data_5IHU
#
_entry.id   5IHU
#
_cell.length_a   78.410
_cell.length_b   71.460
_cell.length_c   88.320
_cell.angle_alpha   90.00
_cell.angle_beta   97.27
_cell.angle_gamma   90.00
#
_symmetry.space_group_name_H-M   'C 1 2 1'
#
loop_
_entity.id
_entity.type
_entity.pdbx_description
1 polymer 'bovine Fab B11 light chain'
2 polymer 'bovine Fab B11 heavy chain'
3 water water
#
loop_
_entity_poly.entity_id
_entity_poly.type
_entity_poly.pdbx_seq_one_letter_code
_entity_poly.pdbx_strand_id
1 'polypeptide(L)'
;QAVLNQPSSVSGSLGQRVSITCSGSSSNVGNGYVSWYQLIPGSAPRTLIYGDTSRASGVPDRFSGSRSGNTATLTISSLQ
AEDEADYFCASAEDSSSNAVFGSGTTLTVLGQPKSPPSVTLFPPSTEELNGNKATLVCLISDFYPGSVTVVWKADGSTIT
RNVETTRASKQSNSKYAASSYLSLTSSDWKSKGSYSCEVTHEGSTVTKTVKPSECS
;
L
2 'polypeptide(L)'
;QVQLRESGPSLVKPSQTLSLTCTASGFSLSDKAVGWVRQAPGKALEWLGSIDTGGTAGYNPGLKTRLSITKDNSKSQVSL
TVSSVATEDSATYYCVTVYQKTTQKKNCPDDYTECYGGACDGTGCCSGSCGGASACRDWWPYRSICSSDNTYTYEFHVDA
WGQGLLVTVSSASTTAPKVYPLSSCCGDKSSSTVTLGCLVSSYMPEPVTVTWNSGALKSGVHTFPAVLQSSGLYSLSSMV
TVPGSTSGQTFTCNVAHPASSTKVDKAVEPKSC
;
H
#
# COMPACT_ATOMS: atom_id res chain seq x y z
N VAL A 3 15.10 -11.37 -5.06
CA VAL A 3 14.42 -10.10 -5.33
C VAL A 3 15.22 -9.25 -6.30
N LEU A 4 14.54 -8.68 -7.29
CA LEU A 4 15.19 -7.80 -8.26
C LEU A 4 15.60 -6.50 -7.58
N ASN A 5 16.73 -5.94 -8.02
CA ASN A 5 17.30 -4.79 -7.33
C ASN A 5 16.82 -3.46 -7.87
N GLN A 6 16.08 -2.73 -7.03
CA GLN A 6 15.66 -1.36 -7.34
C GLN A 6 16.25 -0.41 -6.29
N PRO A 7 16.46 0.86 -6.66
CA PRO A 7 16.84 1.84 -5.64
C PRO A 7 15.70 2.06 -4.65
N SER A 8 16.02 2.13 -3.36
CA SER A 8 14.99 2.26 -2.33
C SER A 8 14.18 3.55 -2.48
N SER A 9 14.80 4.55 -3.09
CA SER A 9 14.19 5.87 -3.17
C SER A 9 14.87 6.73 -4.23
N VAL A 10 14.07 7.46 -4.99
CA VAL A 10 14.59 8.41 -5.96
C VAL A 10 13.69 9.64 -5.99
N SER A 11 14.19 10.72 -6.59
CA SER A 11 13.44 11.95 -6.67
C SER A 11 13.53 12.59 -8.04
N GLY A 12 12.86 13.73 -8.20
CA GLY A 12 12.81 14.44 -9.45
C GLY A 12 11.74 15.51 -9.35
N SER A 13 12.07 16.74 -9.72
CA SER A 13 11.16 17.86 -9.53
C SER A 13 10.01 17.81 -10.53
N LEU A 14 8.99 18.64 -10.28
CA LEU A 14 7.79 18.67 -11.10
C LEU A 14 8.10 19.02 -12.56
N GLY A 15 7.38 18.38 -13.47
CA GLY A 15 7.53 18.65 -14.90
C GLY A 15 8.72 17.96 -15.54
N GLN A 16 9.63 17.46 -14.70
CA GLN A 16 10.84 16.80 -15.19
C GLN A 16 10.59 15.32 -15.43
N ARG A 17 11.67 14.59 -15.72
CA ARG A 17 11.61 13.15 -15.85
C ARG A 17 12.50 12.47 -14.82
N VAL A 18 12.23 11.20 -14.57
CA VAL A 18 13.06 10.40 -13.67
C VAL A 18 13.02 8.96 -14.16
N SER A 19 14.13 8.24 -13.95
CA SER A 19 14.23 6.85 -14.37
C SER A 19 14.42 5.94 -13.16
N ILE A 20 13.65 4.86 -13.14
CA ILE A 20 13.78 3.85 -12.10
C ILE A 20 14.31 2.56 -12.72
N THR A 21 15.43 2.08 -12.21
CA THR A 21 16.07 0.90 -12.77
C THR A 21 15.64 -0.37 -12.04
N CYS A 22 15.85 -1.50 -12.70
CA CYS A 22 15.48 -2.81 -12.15
C CYS A 22 16.49 -3.84 -12.62
N SER A 23 17.43 -4.18 -11.75
CA SER A 23 18.56 -5.03 -12.12
C SER A 23 18.37 -6.46 -11.65
N GLY A 24 18.55 -7.40 -12.58
CA GLY A 24 18.43 -8.82 -12.27
C GLY A 24 19.48 -9.64 -13.01
N SER A 25 19.11 -10.86 -13.37
CA SER A 25 19.99 -11.78 -14.10
C SER A 25 19.40 -12.13 -15.45
N SER A 26 20.09 -13.00 -16.18
CA SER A 26 19.60 -13.47 -17.47
C SER A 26 18.46 -14.46 -17.29
N SER A 27 18.24 -14.89 -16.05
CA SER A 27 17.21 -15.88 -15.75
C SER A 27 15.85 -15.22 -15.50
N ASN A 28 15.85 -13.93 -15.14
CA ASN A 28 14.60 -13.19 -15.00
C ASN A 28 14.51 -12.00 -15.97
N VAL A 29 15.16 -10.89 -15.65
CA VAL A 29 15.07 -9.70 -16.50
C VAL A 29 15.57 -10.00 -17.91
N GLY A 30 16.72 -10.66 -18.03
CA GLY A 30 17.29 -10.96 -19.32
C GLY A 30 16.44 -11.90 -20.15
N ASN A 31 15.60 -12.69 -19.49
CA ASN A 31 14.67 -13.56 -20.20
C ASN A 31 13.72 -12.72 -21.06
N GLY A 32 13.55 -11.46 -20.65
CA GLY A 32 12.97 -10.46 -21.54
C GLY A 32 11.46 -10.30 -21.51
N TYR A 33 10.87 -10.33 -20.31
CA TYR A 33 9.46 -10.02 -20.15
C TYR A 33 9.22 -9.35 -18.81
N VAL A 34 9.67 -8.10 -18.69
CA VAL A 34 9.56 -7.33 -17.47
C VAL A 34 8.25 -6.54 -17.44
N SER A 35 7.65 -6.43 -16.26
CA SER A 35 6.44 -5.65 -16.07
C SER A 35 6.62 -4.68 -14.90
N TRP A 36 5.84 -3.60 -14.90
CA TRP A 36 5.94 -2.56 -13.88
C TRP A 36 4.59 -2.29 -13.22
N TYR A 37 4.61 -1.92 -11.94
CA TYR A 37 3.39 -1.67 -11.18
C TYR A 37 3.50 -0.44 -10.29
N GLN A 38 2.37 0.22 -10.07
CA GLN A 38 2.30 1.45 -9.28
C GLN A 38 1.42 1.27 -8.05
N LEU A 39 1.97 1.59 -6.88
CA LEU A 39 1.24 1.46 -5.62
C LEU A 39 1.11 2.80 -4.89
N ILE A 40 -0.05 3.43 -5.03
CA ILE A 40 -0.37 4.63 -4.28
C ILE A 40 -1.07 4.23 -2.97
N PRO A 41 -0.59 4.74 -1.82
CA PRO A 41 -1.21 4.39 -0.54
C PRO A 41 -2.71 4.65 -0.50
N GLY A 42 -3.46 3.73 0.08
CA GLY A 42 -4.91 3.86 0.17
C GLY A 42 -5.58 3.58 -1.16
N SER A 43 -4.89 2.85 -2.02
CA SER A 43 -5.42 2.51 -3.34
C SER A 43 -4.87 1.18 -3.81
N ALA A 44 -5.62 0.51 -4.70
CA ALA A 44 -5.18 -0.78 -5.23
C ALA A 44 -4.01 -0.58 -6.20
N PRO A 45 -3.08 -1.55 -6.26
CA PRO A 45 -1.96 -1.44 -7.20
C PRO A 45 -2.43 -1.31 -8.65
N ARG A 46 -1.62 -0.67 -9.47
CA ARG A 46 -1.97 -0.39 -10.87
C ARG A 46 -0.88 -0.90 -11.81
N THR A 47 -1.26 -1.74 -12.76
CA THR A 47 -0.34 -2.23 -13.77
C THR A 47 -0.03 -1.13 -14.79
N LEU A 48 1.26 -0.88 -15.00
CA LEU A 48 1.71 0.16 -15.92
C LEU A 48 2.25 -0.41 -17.22
N ILE A 49 3.21 -1.32 -17.07
CA ILE A 49 3.93 -1.88 -18.21
C ILE A 49 3.95 -3.40 -18.15
N TYR A 50 3.91 -4.03 -19.30
CA TYR A 50 4.13 -5.47 -19.41
C TYR A 50 4.92 -5.76 -20.68
N GLY A 51 5.64 -6.88 -20.70
CA GLY A 51 6.48 -7.23 -21.83
C GLY A 51 7.50 -6.13 -22.14
N ASP A 52 8.19 -5.68 -21.10
CA ASP A 52 9.23 -4.65 -21.20
C ASP A 52 8.70 -3.27 -21.62
N THR A 53 8.00 -3.20 -22.75
CA THR A 53 7.67 -1.91 -23.37
C THR A 53 6.18 -1.62 -23.49
N SER A 54 5.34 -2.66 -23.55
CA SER A 54 3.91 -2.46 -23.77
C SER A 54 3.23 -1.83 -22.56
N ARG A 55 2.40 -0.82 -22.81
CA ARG A 55 1.67 -0.14 -21.75
C ARG A 55 0.32 -0.78 -21.52
N ALA A 56 -0.07 -0.92 -20.26
CA ALA A 56 -1.39 -1.42 -19.92
C ALA A 56 -2.44 -0.41 -20.34
N SER A 57 -3.70 -0.85 -20.38
CA SER A 57 -4.79 0.01 -20.81
C SER A 57 -4.94 1.23 -19.88
N GLY A 58 -5.09 2.40 -20.49
CA GLY A 58 -5.29 3.63 -19.74
C GLY A 58 -4.02 4.16 -19.10
N VAL A 59 -2.87 3.83 -19.68
CA VAL A 59 -1.58 4.31 -19.19
C VAL A 59 -0.99 5.31 -20.18
N PRO A 60 -0.83 6.58 -19.75
CA PRO A 60 -0.34 7.60 -20.69
C PRO A 60 1.08 7.33 -21.17
N ASP A 61 1.45 7.98 -22.28
CA ASP A 61 2.75 7.77 -22.89
C ASP A 61 3.91 8.24 -22.01
N ARG A 62 3.62 9.16 -21.10
CA ARG A 62 4.67 9.71 -20.23
C ARG A 62 5.22 8.62 -19.30
N PHE A 63 4.52 7.49 -19.22
CA PHE A 63 5.07 6.29 -18.61
C PHE A 63 5.60 5.39 -19.72
N SER A 64 6.86 4.98 -19.62
CA SER A 64 7.49 4.17 -20.65
C SER A 64 8.57 3.27 -20.07
N GLY A 65 8.62 2.04 -20.59
CA GLY A 65 9.56 1.04 -20.12
C GLY A 65 10.52 0.61 -21.21
N SER A 66 11.70 0.15 -20.80
CA SER A 66 12.70 -0.36 -21.72
C SER A 66 13.57 -1.40 -21.01
N ARG A 67 14.46 -2.04 -21.76
CA ARG A 67 15.33 -3.06 -21.19
C ARG A 67 16.66 -3.13 -21.93
N SER A 68 17.73 -3.33 -21.17
CA SER A 68 19.07 -3.45 -21.71
C SER A 68 19.80 -4.59 -21.01
N GLY A 69 19.73 -5.78 -21.61
CA GLY A 69 20.29 -6.96 -21.00
C GLY A 69 19.53 -7.33 -19.75
N ASN A 70 20.22 -7.31 -18.61
CA ASN A 70 19.65 -7.71 -17.33
C ASN A 70 19.18 -6.52 -16.50
N THR A 71 18.86 -5.41 -17.17
CA THR A 71 18.38 -4.22 -16.48
C THR A 71 17.24 -3.56 -17.25
N ALA A 72 16.09 -3.48 -16.59
CA ALA A 72 14.94 -2.76 -17.15
C ALA A 72 14.89 -1.37 -16.55
N THR A 73 14.18 -0.46 -17.24
CA THR A 73 14.09 0.92 -16.80
C THR A 73 12.69 1.49 -17.05
N LEU A 74 12.07 1.98 -15.99
CA LEU A 74 10.81 2.71 -16.10
C LEU A 74 11.06 4.20 -16.03
N THR A 75 10.71 4.92 -17.09
CA THR A 75 10.89 6.36 -17.13
C THR A 75 9.55 7.07 -17.05
N ILE A 76 9.47 8.10 -16.21
CA ILE A 76 8.25 8.87 -16.02
C ILE A 76 8.51 10.34 -16.33
N SER A 77 7.97 10.81 -17.45
CA SER A 77 8.14 12.21 -17.86
C SER A 77 7.01 13.07 -17.35
N SER A 78 7.25 14.37 -17.28
CA SER A 78 6.25 15.34 -16.82
C SER A 78 5.69 14.95 -15.46
N LEU A 79 6.57 14.87 -14.47
CA LEU A 79 6.18 14.46 -13.12
C LEU A 79 5.10 15.36 -12.52
N GLN A 80 4.13 14.71 -11.88
CA GLN A 80 3.07 15.40 -11.16
C GLN A 80 3.05 14.86 -9.73
N ALA A 81 2.41 15.58 -8.82
CA ALA A 81 2.37 15.16 -7.42
C ALA A 81 1.65 13.83 -7.25
N GLU A 82 0.83 13.48 -8.25
CA GLU A 82 0.10 12.22 -8.23
C GLU A 82 1.01 11.03 -8.47
N ASP A 83 2.20 11.29 -9.01
CA ASP A 83 3.14 10.23 -9.36
C ASP A 83 3.89 9.70 -8.14
N GLU A 84 3.84 10.44 -7.03
CA GLU A 84 4.48 10.01 -5.80
C GLU A 84 3.83 8.72 -5.30
N ALA A 85 4.61 7.64 -5.32
CA ALA A 85 4.12 6.32 -5.01
C ALA A 85 5.28 5.32 -4.98
N ASP A 86 4.98 4.08 -4.61
CA ASP A 86 5.97 3.00 -4.71
C ASP A 86 5.85 2.32 -6.06
N TYR A 87 6.98 2.07 -6.69
CA TYR A 87 7.01 1.40 -7.99
C TYR A 87 7.76 0.07 -7.90
N PHE A 88 7.19 -0.95 -8.52
CA PHE A 88 7.76 -2.29 -8.49
C PHE A 88 7.88 -2.86 -9.90
N CYS A 89 9.04 -3.43 -10.21
CA CYS A 89 9.21 -4.22 -11.41
C CYS A 89 8.91 -5.67 -11.09
N ALA A 90 8.78 -6.49 -12.13
CA ALA A 90 8.53 -7.93 -11.94
C ALA A 90 8.98 -8.70 -13.16
N SER A 91 9.24 -9.97 -12.97
CA SER A 91 9.67 -10.83 -14.06
C SER A 91 9.57 -12.29 -13.67
N ALA A 92 9.07 -13.11 -14.59
CA ALA A 92 9.06 -14.55 -14.39
C ALA A 92 10.48 -15.06 -14.37
N GLU A 93 10.68 -16.28 -13.87
CA GLU A 93 12.00 -16.88 -13.83
C GLU A 93 11.93 -18.40 -13.88
N ASP A 94 12.53 -18.97 -14.92
CA ASP A 94 12.57 -20.41 -15.13
C ASP A 94 11.18 -21.03 -15.26
N SER A 95 10.15 -20.19 -15.30
CA SER A 95 8.76 -20.64 -15.29
C SER A 95 7.82 -19.45 -15.20
N SER A 96 6.67 -19.53 -15.86
CA SER A 96 5.72 -18.43 -15.89
C SER A 96 4.94 -18.33 -14.59
N SER A 97 4.98 -19.38 -13.77
CA SER A 97 4.29 -19.38 -12.48
C SER A 97 5.21 -18.90 -11.36
N ASN A 98 6.45 -18.60 -11.70
CA ASN A 98 7.44 -18.15 -10.72
C ASN A 98 7.80 -16.68 -10.92
N ALA A 99 6.90 -15.80 -10.46
CA ALA A 99 7.09 -14.37 -10.61
C ALA A 99 7.98 -13.83 -9.49
N VAL A 100 8.90 -12.95 -9.87
CA VAL A 100 9.83 -12.33 -8.93
C VAL A 100 9.72 -10.81 -9.00
N PHE A 101 9.30 -10.20 -7.89
CA PHE A 101 9.14 -8.75 -7.84
C PHE A 101 10.43 -8.06 -7.42
N GLY A 102 10.54 -6.78 -7.74
CA GLY A 102 11.68 -5.99 -7.34
C GLY A 102 11.53 -5.48 -5.91
N SER A 103 12.63 -4.96 -5.36
CA SER A 103 12.66 -4.55 -3.96
C SER A 103 11.75 -3.34 -3.69
N GLY A 104 11.42 -2.60 -4.74
CA GLY A 104 10.52 -1.46 -4.62
C GLY A 104 11.24 -0.13 -4.55
N THR A 105 10.68 0.87 -5.23
CA THR A 105 11.24 2.22 -5.26
C THR A 105 10.21 3.25 -4.83
N THR A 106 10.52 3.98 -3.76
CA THR A 106 9.68 5.08 -3.31
C THR A 106 10.03 6.34 -4.08
N LEU A 107 9.10 6.80 -4.93
CA LEU A 107 9.33 8.01 -5.71
C LEU A 107 8.89 9.25 -4.92
N THR A 108 9.70 10.30 -5.03
CA THR A 108 9.38 11.59 -4.44
C THR A 108 9.38 12.65 -5.53
N VAL A 109 8.40 13.53 -5.50
CA VAL A 109 8.31 14.62 -6.45
C VAL A 109 8.55 15.95 -5.74
N LEU A 110 9.72 16.53 -5.99
CA LEU A 110 10.13 17.74 -5.30
C LEU A 110 9.70 19.00 -6.06
N GLY A 111 10.06 20.15 -5.53
CA GLY A 111 9.62 21.42 -6.09
C GLY A 111 8.36 21.90 -5.40
N GLN A 112 7.89 21.13 -4.42
CA GLN A 112 6.72 21.50 -3.65
C GLN A 112 7.03 22.70 -2.75
N PRO A 113 6.07 23.62 -2.58
CA PRO A 113 6.30 24.78 -1.71
C PRO A 113 6.32 24.39 -0.23
N LYS A 114 7.29 24.90 0.51
CA LYS A 114 7.36 24.65 1.96
C LYS A 114 6.08 25.16 2.61
N SER A 115 5.63 24.46 3.65
CA SER A 115 4.40 24.82 4.34
C SER A 115 4.50 24.51 5.82
N PRO A 116 4.08 25.45 6.69
CA PRO A 116 4.12 25.17 8.13
C PRO A 116 2.94 24.31 8.55
N PRO A 117 3.05 23.63 9.71
CA PRO A 117 1.98 22.76 10.19
C PRO A 117 0.85 23.51 10.87
N SER A 118 -0.38 23.02 10.70
CA SER A 118 -1.48 23.45 11.54
C SER A 118 -1.53 22.49 12.73
N VAL A 119 -1.79 23.03 13.92
CA VAL A 119 -1.74 22.22 15.14
C VAL A 119 -3.02 22.37 15.94
N THR A 120 -3.64 21.22 16.23
CA THR A 120 -4.82 21.18 17.08
C THR A 120 -4.59 20.22 18.24
N LEU A 121 -4.68 20.75 19.45
CA LEU A 121 -4.49 19.96 20.67
C LEU A 121 -5.84 19.70 21.33
N PHE A 122 -6.19 18.42 21.48
CA PHE A 122 -7.46 18.04 22.08
C PHE A 122 -7.26 17.55 23.51
N PRO A 123 -8.11 18.02 24.44
CA PRO A 123 -8.06 17.47 25.80
C PRO A 123 -8.77 16.13 25.88
N PRO A 124 -8.62 15.41 27.00
CA PRO A 124 -9.37 14.15 27.12
C PRO A 124 -10.88 14.38 27.18
N SER A 125 -11.63 13.44 26.62
CA SER A 125 -13.09 13.49 26.69
C SER A 125 -13.54 13.19 28.11
N THR A 126 -14.77 13.58 28.42
CA THR A 126 -15.37 13.26 29.71
C THR A 126 -15.55 11.75 29.84
N GLU A 127 -15.92 11.10 28.74
CA GLU A 127 -16.13 9.66 28.74
C GLU A 127 -14.84 8.91 29.06
N GLU A 128 -13.71 9.38 28.56
CA GLU A 128 -12.44 8.73 28.85
C GLU A 128 -12.04 8.98 30.30
N LEU A 129 -12.29 10.21 30.77
CA LEU A 129 -11.96 10.57 32.14
C LEU A 129 -12.74 9.74 33.14
N ASN A 130 -13.95 9.35 32.78
CA ASN A 130 -14.78 8.51 33.65
C ASN A 130 -14.17 7.11 33.82
N GLY A 131 -13.33 6.72 32.86
CA GLY A 131 -12.62 5.45 32.93
C GLY A 131 -11.24 5.60 33.54
N ASN A 132 -10.99 6.74 34.17
CA ASN A 132 -9.73 7.03 34.85
C ASN A 132 -8.54 7.18 33.92
N LYS A 133 -8.80 7.24 32.61
CA LYS A 133 -7.74 7.52 31.63
C LYS A 133 -7.85 8.95 31.14
N ALA A 134 -6.76 9.46 30.55
CA ALA A 134 -6.75 10.80 29.98
C ALA A 134 -5.72 10.89 28.86
N THR A 135 -6.20 10.86 27.62
CA THR A 135 -5.34 10.93 26.45
C THR A 135 -5.43 12.29 25.77
N LEU A 136 -4.31 13.00 25.71
CA LEU A 136 -4.23 14.24 24.96
C LEU A 136 -3.82 13.91 23.53
N VAL A 137 -4.50 14.53 22.57
CA VAL A 137 -4.26 14.24 21.15
C VAL A 137 -3.84 15.51 20.42
N CYS A 138 -2.61 15.49 19.92
CA CYS A 138 -2.08 16.58 19.13
C CYS A 138 -2.05 16.21 17.65
N LEU A 139 -2.94 16.81 16.88
CA LEU A 139 -3.05 16.52 15.45
C LEU A 139 -2.35 17.60 14.62
N ILE A 140 -1.43 17.16 13.78
CA ILE A 140 -0.58 18.04 13.00
C ILE A 140 -0.84 17.82 11.52
N SER A 141 -1.15 18.89 10.78
CA SER A 141 -1.54 18.75 9.37
C SER A 141 -0.98 19.84 8.45
N ASP A 142 -1.01 19.54 7.16
CA ASP A 142 -0.68 20.49 6.10
C ASP A 142 0.70 21.12 6.20
N PHE A 143 1.72 20.30 6.47
CA PHE A 143 3.09 20.79 6.47
C PHE A 143 3.93 20.12 5.37
N TYR A 144 4.93 20.87 4.88
CA TYR A 144 5.85 20.37 3.89
C TYR A 144 7.20 21.05 4.08
N PRO A 145 8.31 20.29 4.06
CA PRO A 145 8.39 18.83 3.87
C PRO A 145 7.89 18.06 5.08
N GLY A 146 7.57 16.79 4.89
CA GLY A 146 6.96 15.98 5.94
C GLY A 146 7.97 15.51 6.97
N SER A 147 8.29 16.38 7.92
CA SER A 147 9.22 16.05 9.00
C SER A 147 9.08 17.03 10.15
N VAL A 148 8.44 16.58 11.22
CA VAL A 148 8.27 17.38 12.43
C VAL A 148 8.88 16.66 13.64
N THR A 149 9.26 17.43 14.64
CA THR A 149 9.59 16.89 15.96
C THR A 149 8.57 17.45 16.94
N VAL A 150 8.12 16.61 17.85
CA VAL A 150 7.09 16.99 18.81
C VAL A 150 7.63 16.88 20.24
N VAL A 151 7.42 17.95 21.00
CA VAL A 151 7.76 17.99 22.42
C VAL A 151 6.51 18.31 23.22
N TRP A 152 6.30 17.57 24.30
CA TRP A 152 5.16 17.81 25.20
C TRP A 152 5.64 18.51 26.47
N LYS A 153 4.79 19.37 27.03
CA LYS A 153 5.11 20.06 28.28
C LYS A 153 3.94 19.99 29.25
N ALA A 154 4.27 20.02 30.55
CA ALA A 154 3.28 20.24 31.60
C ALA A 154 3.75 21.37 32.51
N ASP A 155 2.92 22.41 32.61
CA ASP A 155 3.28 23.63 33.33
C ASP A 155 4.64 24.16 32.84
N GLY A 156 4.88 24.03 31.54
CA GLY A 156 6.08 24.55 30.93
C GLY A 156 7.30 23.66 31.07
N SER A 157 7.13 22.52 31.75
CA SER A 157 8.22 21.58 31.96
C SER A 157 8.11 20.38 31.02
N THR A 158 9.22 20.01 30.41
CA THR A 158 9.24 18.97 29.37
C THR A 158 8.85 17.59 29.90
N ILE A 159 8.13 16.83 29.08
CA ILE A 159 7.71 15.48 29.40
C ILE A 159 8.34 14.48 28.45
N THR A 160 8.92 13.42 28.99
CA THR A 160 9.54 12.36 28.18
C THR A 160 8.71 11.08 28.20
N ARG A 161 8.02 10.85 29.32
CA ARG A 161 7.27 9.62 29.53
C ARG A 161 5.89 9.64 28.89
N ASN A 162 5.45 8.47 28.41
CA ASN A 162 4.09 8.26 27.91
C ASN A 162 3.74 9.05 26.64
N VAL A 163 4.74 9.28 25.79
CA VAL A 163 4.49 9.96 24.52
C VAL A 163 4.68 8.99 23.35
N GLU A 164 3.73 9.04 22.42
CA GLU A 164 3.81 8.27 21.18
C GLU A 164 3.36 9.11 20.00
N THR A 165 4.24 9.17 18.99
CA THR A 165 4.04 10.03 17.84
C THR A 165 4.08 9.22 16.55
N THR A 166 3.11 9.45 15.67
CA THR A 166 3.10 8.78 14.37
C THR A 166 4.01 9.54 13.41
N ARG A 167 4.53 8.81 12.44
CA ARG A 167 5.35 9.42 11.41
C ARG A 167 4.44 10.03 10.36
N ALA A 168 4.99 10.94 9.56
CA ALA A 168 4.18 11.75 8.68
C ALA A 168 3.75 10.96 7.44
N SER A 169 2.49 11.15 7.05
CA SER A 169 1.97 10.55 5.83
C SER A 169 1.19 11.59 5.05
N LYS A 170 1.01 11.35 3.75
CA LYS A 170 0.38 12.31 2.86
C LYS A 170 -1.14 12.28 3.00
N GLN A 171 -1.74 13.46 2.86
CA GLN A 171 -3.20 13.60 2.79
C GLN A 171 -3.59 13.80 1.33
N SER A 172 -4.89 13.68 1.04
CA SER A 172 -5.34 13.78 -0.35
C SER A 172 -5.19 15.19 -0.90
N ASN A 173 -4.73 16.12 -0.06
CA ASN A 173 -4.44 17.48 -0.51
C ASN A 173 -2.96 17.65 -0.88
N SER A 174 -2.21 16.55 -0.74
CA SER A 174 -0.82 16.40 -1.21
C SER A 174 0.24 16.84 -0.19
N LYS A 175 -0.19 17.43 0.92
CA LYS A 175 0.75 17.81 1.99
C LYS A 175 0.85 16.65 2.99
N TYR A 176 1.34 16.94 4.19
CA TYR A 176 1.58 15.90 5.21
C TYR A 176 0.77 16.12 6.49
N ALA A 177 0.50 15.01 7.17
CA ALA A 177 -0.16 15.05 8.47
C ALA A 177 0.50 14.07 9.43
N ALA A 178 0.44 14.38 10.71
CA ALA A 178 0.99 13.51 11.75
C ALA A 178 0.20 13.71 13.03
N SER A 179 0.32 12.75 13.95
CA SER A 179 -0.35 12.84 15.24
C SER A 179 0.58 12.45 16.38
N SER A 180 0.31 13.00 17.56
CA SER A 180 1.07 12.67 18.76
C SER A 180 0.12 12.51 19.95
N TYR A 181 0.37 11.49 20.76
CA TYR A 181 -0.47 11.16 21.91
C TYR A 181 0.28 11.18 23.23
N LEU A 182 -0.29 11.86 24.23
CA LEU A 182 0.22 11.82 25.60
C LEU A 182 -0.77 11.07 26.46
N SER A 183 -0.35 9.90 26.96
CA SER A 183 -1.23 9.00 27.70
C SER A 183 -1.08 9.19 29.21
N LEU A 184 -2.08 9.80 29.82
CA LEU A 184 -2.10 10.06 31.26
C LEU A 184 -3.21 9.30 31.96
N THR A 185 -3.15 9.27 33.28
CA THR A 185 -4.30 8.88 34.09
C THR A 185 -5.15 10.13 34.31
N SER A 186 -6.38 9.93 34.76
CA SER A 186 -7.28 11.05 35.02
C SER A 186 -6.70 11.97 36.09
N SER A 187 -6.11 11.38 37.12
CA SER A 187 -5.56 12.14 38.23
C SER A 187 -4.36 12.99 37.81
N ASP A 188 -3.52 12.43 36.94
CA ASP A 188 -2.39 13.17 36.40
C ASP A 188 -2.87 14.42 35.65
N TRP A 189 -3.89 14.24 34.83
CA TRP A 189 -4.43 15.30 34.00
C TRP A 189 -4.93 16.49 34.83
N LYS A 190 -5.48 16.20 36.00
CA LYS A 190 -6.02 17.24 36.87
C LYS A 190 -4.96 17.91 37.73
N SER A 191 -3.80 17.26 37.87
CA SER A 191 -2.78 17.73 38.81
C SER A 191 -1.89 18.85 38.25
N LYS A 192 -2.14 19.27 37.01
CA LYS A 192 -1.31 20.27 36.35
C LYS A 192 -2.14 21.48 35.92
N GLY A 193 -1.48 22.63 35.81
CA GLY A 193 -2.12 23.85 35.38
C GLY A 193 -2.33 23.88 33.88
N SER A 194 -1.40 23.31 33.13
CA SER A 194 -1.48 23.31 31.68
C SER A 194 -0.64 22.20 31.05
N TYR A 195 -1.06 21.75 29.88
CA TYR A 195 -0.27 20.85 29.05
C TYR A 195 -0.08 21.50 27.68
N SER A 196 1.06 21.27 27.05
CA SER A 196 1.36 21.89 25.76
C SER A 196 1.90 20.90 24.73
N CYS A 197 1.45 21.04 23.49
CA CYS A 197 2.01 20.32 22.35
C CYS A 197 2.87 21.26 21.53
N GLU A 198 4.18 20.99 21.51
CA GLU A 198 5.16 21.86 20.86
C GLU A 198 5.73 21.21 19.61
N VAL A 199 5.36 21.73 18.44
CA VAL A 199 5.72 21.14 17.15
C VAL A 199 6.74 21.98 16.41
N THR A 200 7.93 21.41 16.15
CA THR A 200 8.96 22.09 15.39
C THR A 200 9.00 21.60 13.95
N HIS A 201 9.01 22.56 13.02
CA HIS A 201 9.10 22.26 11.60
C HIS A 201 10.00 23.29 10.92
N GLU A 202 11.10 22.82 10.33
CA GLU A 202 12.05 23.68 9.63
C GLU A 202 12.61 24.78 10.54
N GLY A 203 12.95 24.41 11.78
CA GLY A 203 13.56 25.33 12.71
C GLY A 203 12.60 26.32 13.34
N SER A 204 11.31 26.19 13.01
CA SER A 204 10.28 27.06 13.58
C SER A 204 9.23 26.22 14.31
N THR A 205 8.79 26.71 15.47
CA THR A 205 7.95 25.93 16.36
C THR A 205 6.57 26.55 16.56
N VAL A 206 5.55 25.70 16.51
CA VAL A 206 4.18 26.08 16.86
C VAL A 206 3.77 25.33 18.12
N THR A 207 3.22 26.06 19.10
CA THR A 207 2.80 25.45 20.36
C THR A 207 1.32 25.71 20.64
N LYS A 208 0.62 24.65 21.06
CA LYS A 208 -0.76 24.76 21.52
C LYS A 208 -0.85 24.29 22.96
N THR A 209 -1.66 24.98 23.75
CA THR A 209 -1.78 24.69 25.18
C THR A 209 -3.24 24.47 25.58
N VAL A 210 -3.46 23.52 26.48
CA VAL A 210 -4.77 23.29 27.08
C VAL A 210 -4.65 23.38 28.60
N LYS A 211 -5.70 23.89 29.23
CA LYS A 211 -5.75 24.05 30.68
C LYS A 211 -6.87 23.21 31.27
N PRO A 212 -6.54 22.22 32.13
CA PRO A 212 -7.58 21.39 32.76
C PRO A 212 -8.63 22.22 33.52
N SER A 213 -8.21 23.35 34.07
CA SER A 213 -9.10 24.22 34.82
C SER A 213 -10.29 24.69 34.00
N GLU A 214 -10.16 24.64 32.67
CA GLU A 214 -11.17 25.19 31.76
C GLU A 214 -11.77 24.12 30.84
N CYS A 215 -11.55 22.86 31.17
CA CYS A 215 -12.14 21.75 30.43
C CYS A 215 -11.88 20.42 31.13
N GLN B 1 -14.28 -3.41 -16.13
CA GLN B 1 -14.42 -2.87 -14.74
C GLN B 1 -14.40 -4.02 -13.73
N VAL B 2 -13.39 -4.87 -13.86
CA VAL B 2 -13.27 -6.06 -13.03
C VAL B 2 -13.15 -5.71 -11.55
N GLN B 3 -13.97 -6.34 -10.72
CA GLN B 3 -13.91 -6.20 -9.27
C GLN B 3 -13.43 -7.51 -8.64
N LEU B 4 -12.41 -7.41 -7.79
CA LEU B 4 -11.89 -8.57 -7.07
C LEU B 4 -11.96 -8.32 -5.56
N ARG B 5 -12.77 -9.11 -4.87
CA ARG B 5 -13.00 -8.94 -3.45
C ARG B 5 -12.37 -10.05 -2.61
N GLU B 6 -11.36 -9.71 -1.83
CA GLU B 6 -10.77 -10.64 -0.88
C GLU B 6 -11.66 -10.71 0.36
N SER B 7 -11.77 -11.89 0.95
CA SER B 7 -12.51 -12.06 2.19
C SER B 7 -11.86 -13.14 3.04
N GLY B 8 -11.93 -12.97 4.36
CA GLY B 8 -11.30 -13.90 5.28
C GLY B 8 -11.00 -13.24 6.61
N PRO B 9 -10.37 -13.99 7.52
CA PRO B 9 -10.04 -13.50 8.86
C PRO B 9 -8.97 -12.40 8.84
N SER B 10 -9.19 -11.34 9.61
CA SER B 10 -8.22 -10.26 9.71
C SER B 10 -7.09 -10.65 10.67
N LEU B 11 -7.39 -11.56 11.59
CA LEU B 11 -6.45 -11.97 12.63
C LEU B 11 -6.36 -13.49 12.72
N VAL B 12 -5.14 -14.02 12.68
CA VAL B 12 -4.90 -15.44 12.81
C VAL B 12 -3.81 -15.68 13.86
N LYS B 13 -3.92 -16.77 14.61
CA LYS B 13 -2.92 -17.11 15.61
C LYS B 13 -1.73 -17.82 14.97
N PRO B 14 -0.54 -17.74 15.59
CA PRO B 14 0.62 -18.42 15.01
C PRO B 14 0.40 -19.93 14.88
N SER B 15 0.84 -20.49 13.75
CA SER B 15 0.75 -21.92 13.46
C SER B 15 -0.64 -22.36 13.04
N GLN B 16 -1.58 -21.42 12.95
CA GLN B 16 -2.90 -21.72 12.40
C GLN B 16 -2.86 -21.68 10.88
N THR B 17 -3.93 -22.17 10.27
CA THR B 17 -4.09 -22.14 8.82
C THR B 17 -4.87 -20.91 8.39
N LEU B 18 -4.25 -20.08 7.55
CA LEU B 18 -4.92 -18.92 6.97
C LEU B 18 -5.65 -19.35 5.72
N SER B 19 -6.94 -19.03 5.63
CA SER B 19 -7.73 -19.31 4.44
C SER B 19 -8.48 -18.08 3.97
N LEU B 20 -8.22 -17.64 2.74
CA LEU B 20 -8.87 -16.49 2.14
C LEU B 20 -9.67 -16.89 0.91
N THR B 21 -10.66 -16.08 0.58
CA THR B 21 -11.50 -16.32 -0.60
C THR B 21 -11.49 -15.07 -1.48
N CYS B 22 -11.45 -15.30 -2.80
CA CYS B 22 -11.57 -14.20 -3.76
C CYS B 22 -12.81 -14.39 -4.62
N THR B 23 -13.78 -13.49 -4.44
CA THR B 23 -14.99 -13.48 -5.24
C THR B 23 -14.84 -12.42 -6.34
N ALA B 24 -15.18 -12.79 -7.57
CA ALA B 24 -14.96 -11.94 -8.73
C ALA B 24 -16.25 -11.36 -9.28
N SER B 25 -16.11 -10.26 -10.01
CA SER B 25 -17.23 -9.62 -10.69
C SER B 25 -16.75 -8.95 -11.97
N GLY B 26 -17.64 -8.83 -12.95
CA GLY B 26 -17.30 -8.20 -14.21
C GLY B 26 -16.74 -9.17 -15.24
N PHE B 27 -16.58 -10.43 -14.85
CA PHE B 27 -16.09 -11.46 -15.76
C PHE B 27 -16.28 -12.85 -15.19
N SER B 28 -16.28 -13.85 -16.07
CA SER B 28 -16.40 -15.24 -15.63
C SER B 28 -15.03 -15.77 -15.23
N LEU B 29 -15.00 -16.51 -14.13
CA LEU B 29 -13.75 -17.01 -13.58
C LEU B 29 -13.13 -18.10 -14.45
N SER B 30 -13.91 -18.61 -15.39
CA SER B 30 -13.45 -19.71 -16.24
C SER B 30 -12.69 -19.22 -17.47
N ASP B 31 -12.46 -17.90 -17.54
CA ASP B 31 -11.70 -17.32 -18.65
C ASP B 31 -10.45 -16.59 -18.18
N LYS B 32 -10.16 -16.68 -16.88
CA LYS B 32 -9.01 -15.99 -16.31
C LYS B 32 -8.26 -16.82 -15.28
N ALA B 33 -6.93 -16.76 -15.37
CA ALA B 33 -6.09 -17.27 -14.31
C ALA B 33 -6.10 -16.27 -13.17
N VAL B 34 -6.52 -16.73 -12.00
CA VAL B 34 -6.59 -15.89 -10.81
C VAL B 34 -5.49 -16.31 -9.85
N GLY B 35 -4.87 -15.34 -9.20
CA GLY B 35 -3.76 -15.60 -8.31
C GLY B 35 -3.74 -14.72 -7.08
N TRP B 36 -2.65 -14.83 -6.32
CA TRP B 36 -2.50 -14.10 -5.08
C TRP B 36 -1.11 -13.46 -4.98
N VAL B 37 -1.10 -12.20 -4.54
CA VAL B 37 0.13 -11.48 -4.26
C VAL B 37 -0.02 -10.86 -2.88
N ARG B 38 1.04 -10.92 -2.07
CA ARG B 38 1.00 -10.30 -0.75
C ARG B 38 2.12 -9.30 -0.56
N GLN B 39 1.89 -8.36 0.35
CA GLN B 39 2.88 -7.37 0.73
C GLN B 39 2.91 -7.23 2.23
N ALA B 40 3.98 -7.73 2.85
CA ALA B 40 4.18 -7.50 4.27
C ALA B 40 4.44 -6.01 4.49
N PRO B 41 4.02 -5.47 5.64
CA PRO B 41 4.16 -4.03 5.90
C PRO B 41 5.56 -3.48 5.65
N GLY B 42 5.67 -2.54 4.71
CA GLY B 42 6.93 -1.89 4.41
C GLY B 42 7.91 -2.76 3.66
N LYS B 43 7.44 -3.90 3.16
CA LYS B 43 8.29 -4.82 2.40
C LYS B 43 7.84 -4.91 0.94
N ALA B 44 8.58 -5.66 0.14
CA ALA B 44 8.32 -5.77 -1.29
C ALA B 44 7.10 -6.65 -1.56
N LEU B 45 6.58 -6.55 -2.77
CA LEU B 45 5.54 -7.46 -3.23
C LEU B 45 6.10 -8.87 -3.30
N GLU B 46 5.27 -9.86 -2.99
CA GLU B 46 5.67 -11.26 -3.06
C GLU B 46 4.60 -12.10 -3.72
N TRP B 47 5.02 -12.84 -4.74
CA TRP B 47 4.12 -13.72 -5.48
C TRP B 47 3.83 -14.97 -4.67
N LEU B 48 2.56 -15.36 -4.63
CA LEU B 48 2.15 -16.58 -3.93
C LEU B 48 1.82 -17.70 -4.90
N GLY B 49 0.90 -17.44 -5.82
CA GLY B 49 0.55 -18.42 -6.82
C GLY B 49 -0.73 -18.08 -7.54
N SER B 50 -1.15 -19.01 -8.42
CA SER B 50 -2.37 -18.83 -9.19
C SER B 50 -2.87 -20.17 -9.69
N ILE B 51 -4.10 -20.16 -10.20
CA ILE B 51 -4.72 -21.34 -10.78
C ILE B 51 -5.35 -20.92 -12.10
N ASP B 52 -5.02 -21.65 -13.18
CA ASP B 52 -5.49 -21.26 -14.49
C ASP B 52 -6.90 -21.78 -14.73
N THR B 53 -7.48 -21.41 -15.86
CA THR B 53 -8.85 -21.78 -16.18
C THR B 53 -9.00 -23.30 -16.30
N GLY B 54 -7.89 -24.00 -16.55
CA GLY B 54 -7.90 -25.44 -16.69
C GLY B 54 -7.92 -26.16 -15.36
N GLY B 55 -7.51 -25.47 -14.29
CA GLY B 55 -7.57 -26.02 -12.95
C GLY B 55 -6.23 -26.42 -12.36
N THR B 56 -5.14 -26.15 -13.08
CA THR B 56 -3.80 -26.46 -12.58
C THR B 56 -3.23 -25.24 -11.86
N ALA B 57 -2.75 -25.45 -10.64
CA ALA B 57 -2.19 -24.36 -9.84
C ALA B 57 -0.68 -24.23 -10.08
N GLY B 58 -0.18 -23.03 -9.87
CA GLY B 58 1.25 -22.75 -9.93
C GLY B 58 1.63 -21.90 -8.74
N TYR B 59 2.75 -22.24 -8.09
CA TYR B 59 3.11 -21.63 -6.82
C TYR B 59 4.52 -21.07 -6.80
N ASN B 60 4.72 -20.07 -5.96
CA ASN B 60 6.06 -19.59 -5.59
C ASN B 60 6.88 -20.77 -5.07
N PRO B 61 8.01 -21.09 -5.73
CA PRO B 61 8.77 -22.29 -5.33
C PRO B 61 9.22 -22.27 -3.87
N GLY B 62 9.57 -21.09 -3.37
CA GLY B 62 10.06 -20.96 -2.00
C GLY B 62 8.98 -21.08 -0.95
N LEU B 63 7.72 -21.19 -1.38
CA LEU B 63 6.59 -21.18 -0.46
C LEU B 63 5.57 -22.29 -0.71
N LYS B 64 5.69 -23.01 -1.82
CA LYS B 64 4.59 -23.84 -2.31
C LYS B 64 4.24 -25.02 -1.40
N THR B 65 5.13 -25.38 -0.47
CA THR B 65 4.85 -26.47 0.45
C THR B 65 3.86 -26.03 1.53
N ARG B 66 3.61 -24.73 1.62
CA ARG B 66 2.68 -24.17 2.58
C ARG B 66 1.44 -23.60 1.91
N LEU B 67 1.41 -23.60 0.58
CA LEU B 67 0.35 -22.93 -0.17
C LEU B 67 -0.62 -23.91 -0.83
N SER B 68 -1.89 -23.51 -0.89
CA SER B 68 -2.90 -24.25 -1.64
C SER B 68 -3.90 -23.29 -2.24
N ILE B 69 -4.10 -23.39 -3.56
CA ILE B 69 -5.05 -22.55 -4.27
C ILE B 69 -6.04 -23.44 -5.01
N THR B 70 -7.32 -23.23 -4.71
CA THR B 70 -8.39 -24.00 -5.36
C THR B 70 -9.41 -23.04 -5.96
N LYS B 71 -10.22 -23.56 -6.89
CA LYS B 71 -11.14 -22.76 -7.66
C LYS B 71 -12.55 -23.35 -7.67
N ASP B 72 -13.54 -22.52 -7.92
CA ASP B 72 -14.92 -22.98 -8.10
C ASP B 72 -15.60 -22.08 -9.13
N ASN B 73 -15.62 -22.55 -10.37
CA ASN B 73 -16.07 -21.75 -11.50
C ASN B 73 -17.54 -21.38 -11.43
N SER B 74 -18.36 -22.29 -10.89
CA SER B 74 -19.79 -22.05 -10.79
C SER B 74 -20.09 -20.93 -9.80
N LYS B 75 -19.41 -20.96 -8.66
CA LYS B 75 -19.61 -19.95 -7.62
C LYS B 75 -18.64 -18.78 -7.77
N SER B 76 -17.79 -18.85 -8.78
CA SER B 76 -16.85 -17.77 -9.08
C SER B 76 -15.97 -17.44 -7.88
N GLN B 77 -15.32 -18.45 -7.33
CA GLN B 77 -14.47 -18.27 -6.15
C GLN B 77 -13.11 -18.93 -6.29
N VAL B 78 -12.07 -18.22 -5.84
CA VAL B 78 -10.73 -18.79 -5.73
C VAL B 78 -10.31 -18.71 -4.28
N SER B 79 -9.68 -19.78 -3.79
CA SER B 79 -9.23 -19.83 -2.41
C SER B 79 -7.72 -19.68 -2.33
N LEU B 80 -7.26 -19.19 -1.18
CA LEU B 80 -5.86 -19.28 -0.81
C LEU B 80 -5.79 -19.89 0.57
N THR B 81 -4.95 -20.91 0.74
CA THR B 81 -4.72 -21.50 2.04
C THR B 81 -3.23 -21.47 2.35
N VAL B 82 -2.88 -20.86 3.48
CA VAL B 82 -1.50 -20.82 3.96
C VAL B 82 -1.42 -21.50 5.32
N SER B 83 -0.68 -22.59 5.39
CA SER B 83 -0.58 -23.39 6.61
C SER B 83 0.55 -22.91 7.52
N SER B 84 0.42 -23.21 8.80
CA SER B 84 1.46 -22.91 9.79
C SER B 84 1.99 -21.49 9.70
N VAL B 85 1.11 -20.50 9.79
CA VAL B 85 1.51 -19.12 9.62
C VAL B 85 2.37 -18.63 10.78
N ALA B 86 3.28 -17.71 10.49
CA ALA B 86 4.09 -17.07 11.50
C ALA B 86 3.95 -15.57 11.37
N THR B 87 4.59 -14.84 12.28
CA THR B 87 4.58 -13.37 12.26
C THR B 87 4.89 -12.82 10.87
N GLU B 88 5.80 -13.48 10.17
CA GLU B 88 6.28 -13.02 8.87
C GLU B 88 5.21 -13.13 7.78
N ASP B 89 4.10 -13.80 8.10
CA ASP B 89 3.01 -13.97 7.14
C ASP B 89 1.96 -12.87 7.27
N SER B 90 2.15 -11.98 8.24
CA SER B 90 1.32 -10.78 8.33
C SER B 90 1.56 -9.93 7.10
N ALA B 91 0.48 -9.56 6.42
CA ALA B 91 0.59 -8.81 5.17
C ALA B 91 -0.78 -8.44 4.63
N THR B 92 -0.78 -7.56 3.65
CA THR B 92 -1.95 -7.31 2.83
C THR B 92 -1.97 -8.36 1.72
N TYR B 93 -3.07 -9.09 1.61
CA TYR B 93 -3.19 -10.15 0.61
C TYR B 93 -4.06 -9.71 -0.55
N TYR B 94 -3.47 -9.66 -1.75
CA TYR B 94 -4.14 -9.19 -2.94
C TYR B 94 -4.59 -10.34 -3.83
N CYS B 95 -5.86 -10.36 -4.19
CA CYS B 95 -6.35 -11.25 -5.22
C CYS B 95 -6.11 -10.58 -6.58
N VAL B 96 -5.65 -11.37 -7.56
CA VAL B 96 -5.31 -10.81 -8.87
C VAL B 96 -5.65 -11.75 -10.03
N THR B 97 -5.94 -11.16 -11.19
CA THR B 97 -6.00 -11.91 -12.43
C THR B 97 -4.62 -11.82 -13.07
N VAL B 98 -4.22 -12.87 -13.78
CA VAL B 98 -2.84 -12.99 -14.24
C VAL B 98 -2.76 -13.50 -15.68
N TYR B 99 -1.75 -13.02 -16.40
CA TYR B 99 -1.40 -13.52 -17.72
C TYR B 99 -0.14 -14.36 -17.63
N GLN B 100 -0.23 -15.61 -18.07
CA GLN B 100 0.89 -16.53 -18.02
C GLN B 100 1.03 -17.28 -19.35
N LYS B 101 2.25 -17.34 -19.85
CA LYS B 101 2.51 -17.94 -21.15
C LYS B 101 3.99 -18.26 -21.32
N THR B 102 4.29 -19.45 -21.83
CA THR B 102 5.65 -19.86 -22.11
C THR B 102 5.84 -20.01 -23.62
N THR B 103 6.45 -19.00 -24.22
CA THR B 103 6.58 -18.94 -25.68
C THR B 103 8.03 -19.09 -26.13
N GLN B 104 8.32 -20.18 -26.84
CA GLN B 104 9.58 -20.28 -27.59
C GLN B 104 9.39 -19.51 -28.89
N LYS B 105 9.74 -18.23 -28.85
CA LYS B 105 9.50 -17.32 -29.97
C LYS B 105 10.81 -17.07 -30.73
N LYS B 106 10.87 -15.98 -31.49
CA LYS B 106 12.01 -15.73 -32.35
C LYS B 106 12.38 -14.25 -32.47
N ASN B 107 13.63 -13.95 -32.11
CA ASN B 107 14.23 -12.65 -32.40
C ASN B 107 15.52 -12.85 -33.20
N CYS B 108 15.36 -13.25 -34.45
CA CYS B 108 16.49 -13.40 -35.36
C CYS B 108 17.24 -12.08 -35.48
N PRO B 109 18.56 -12.09 -35.24
CA PRO B 109 19.34 -10.87 -35.44
C PRO B 109 19.16 -10.30 -36.84
N ASP B 110 19.38 -9.00 -36.99
CA ASP B 110 19.04 -8.30 -38.23
C ASP B 110 19.86 -8.76 -39.44
N ASP B 111 20.91 -9.53 -39.19
CA ASP B 111 21.74 -10.09 -40.26
C ASP B 111 21.55 -11.60 -40.36
N TYR B 112 20.36 -12.06 -40.01
CA TYR B 112 19.97 -13.46 -40.12
C TYR B 112 18.60 -13.58 -40.77
N THR B 113 18.21 -14.80 -41.14
CA THR B 113 16.95 -15.03 -41.82
C THR B 113 16.25 -16.29 -41.29
N GLU B 114 14.93 -16.33 -41.45
CA GLU B 114 14.13 -17.48 -41.02
C GLU B 114 14.51 -18.75 -41.77
N CYS B 115 14.83 -19.80 -41.02
CA CYS B 115 15.14 -21.10 -41.61
C CYS B 115 14.33 -22.20 -40.93
N TYR B 116 14.37 -23.41 -41.49
CA TYR B 116 13.54 -24.50 -40.98
C TYR B 116 14.07 -25.88 -41.38
N GLY B 117 14.55 -26.62 -40.39
CA GLY B 117 15.00 -27.98 -40.61
C GLY B 117 16.48 -28.07 -40.95
N GLY B 118 16.90 -29.23 -41.44
CA GLY B 118 18.28 -29.45 -41.80
C GLY B 118 19.21 -29.48 -40.60
N ALA B 119 19.84 -28.34 -40.31
CA ALA B 119 20.80 -28.25 -39.23
C ALA B 119 20.14 -27.98 -37.89
N CYS B 120 18.81 -27.89 -37.87
CA CYS B 120 18.08 -27.59 -36.64
C CYS B 120 16.77 -28.37 -36.55
N ASP B 121 16.43 -28.79 -35.34
CA ASP B 121 15.13 -29.39 -35.07
C ASP B 121 14.08 -28.29 -34.97
N GLY B 122 13.15 -28.28 -35.91
CA GLY B 122 12.17 -27.21 -35.98
C GLY B 122 12.77 -25.97 -36.61
N THR B 123 12.14 -24.82 -36.38
CA THR B 123 12.60 -23.57 -36.97
C THR B 123 13.85 -23.04 -36.28
N GLY B 124 14.50 -22.07 -36.92
CA GLY B 124 15.69 -21.43 -36.39
C GLY B 124 16.03 -20.19 -37.18
N CYS B 125 17.27 -19.73 -37.06
CA CYS B 125 17.76 -18.64 -37.89
C CYS B 125 19.03 -19.09 -38.63
N CYS B 126 19.26 -18.53 -39.80
CA CYS B 126 20.41 -18.87 -40.62
C CYS B 126 21.20 -17.61 -40.94
N SER B 127 22.50 -17.77 -41.24
CA SER B 127 23.37 -16.64 -41.51
C SER B 127 23.02 -15.94 -42.82
N GLY B 128 23.16 -14.62 -42.83
CA GLY B 128 22.90 -13.83 -44.02
C GLY B 128 21.52 -14.07 -44.59
N SER B 129 21.48 -14.80 -45.70
CA SER B 129 20.22 -15.21 -46.32
C SER B 129 20.22 -16.71 -46.59
N CYS B 130 21.24 -17.40 -46.07
CA CYS B 130 21.32 -18.85 -46.13
C CYS B 130 21.44 -19.37 -47.56
N GLY B 131 22.02 -18.55 -48.44
CA GLY B 131 22.22 -18.94 -49.83
C GLY B 131 20.91 -19.05 -50.59
N GLY B 132 19.86 -18.42 -50.07
CA GLY B 132 18.56 -18.46 -50.71
C GLY B 132 17.80 -19.74 -50.41
N ALA B 133 18.33 -20.53 -49.47
CA ALA B 133 17.71 -21.80 -49.10
C ALA B 133 16.62 -21.58 -48.05
N SER B 134 16.13 -22.68 -47.48
CA SER B 134 15.12 -22.63 -46.44
C SER B 134 15.54 -23.44 -45.21
N ALA B 135 16.30 -24.51 -45.45
CA ALA B 135 16.79 -25.35 -44.37
C ALA B 135 18.04 -24.72 -43.75
N CYS B 136 18.14 -24.83 -42.43
CA CYS B 136 19.26 -24.25 -41.69
C CYS B 136 20.60 -24.82 -42.15
N ARG B 137 21.63 -23.98 -42.08
CA ARG B 137 22.98 -24.36 -42.46
C ARG B 137 23.97 -24.03 -41.36
N ASP B 138 24.84 -24.99 -41.03
CA ASP B 138 25.86 -24.79 -39.99
C ASP B 138 27.25 -25.12 -40.52
N TRP B 139 27.40 -25.09 -41.85
CA TRP B 139 28.71 -25.28 -42.47
C TRP B 139 29.25 -23.94 -42.96
N TRP B 140 30.54 -23.71 -42.71
CA TRP B 140 31.21 -22.45 -43.02
C TRP B 140 30.89 -21.97 -44.44
N PRO B 141 30.56 -20.67 -44.60
CA PRO B 141 30.53 -19.58 -43.61
C PRO B 141 29.22 -19.45 -42.83
N TYR B 142 28.27 -20.35 -43.05
CA TYR B 142 26.94 -20.19 -42.47
C TYR B 142 26.87 -20.67 -41.02
N ARG B 143 26.20 -19.87 -40.19
CA ARG B 143 25.98 -20.18 -38.79
C ARG B 143 24.49 -20.29 -38.50
N SER B 144 24.12 -21.29 -37.70
CA SER B 144 22.73 -21.50 -37.30
C SER B 144 22.54 -21.38 -35.80
N ILE B 145 21.51 -20.63 -35.41
CA ILE B 145 21.05 -20.60 -34.03
C ILE B 145 19.70 -21.28 -34.00
N CYS B 146 19.64 -22.45 -33.36
CA CYS B 146 18.43 -23.26 -33.34
C CYS B 146 17.51 -22.82 -32.21
N SER B 147 16.21 -23.00 -32.41
CA SER B 147 15.26 -22.79 -31.34
C SER B 147 15.59 -23.73 -30.19
N SER B 148 16.02 -24.93 -30.54
CA SER B 148 16.39 -25.95 -29.56
C SER B 148 15.26 -26.16 -28.56
N ASP B 149 15.50 -25.83 -27.29
CA ASP B 149 14.49 -25.96 -26.25
C ASP B 149 14.78 -25.15 -25.00
N ASN B 150 15.87 -24.38 -25.00
CA ASN B 150 16.24 -23.57 -23.84
C ASN B 150 16.15 -22.07 -24.14
N THR B 151 15.57 -21.73 -25.29
CA THR B 151 15.35 -20.33 -25.65
C THR B 151 13.89 -19.96 -25.42
N TYR B 152 13.32 -20.45 -24.33
CA TYR B 152 11.94 -20.17 -23.98
C TYR B 152 11.80 -18.82 -23.30
N THR B 153 10.72 -18.11 -23.60
CA THR B 153 10.39 -16.86 -22.93
C THR B 153 9.22 -17.08 -21.97
N TYR B 154 9.48 -16.90 -20.68
CA TYR B 154 8.44 -17.00 -19.67
C TYR B 154 7.80 -15.64 -19.45
N GLU B 155 6.52 -15.54 -19.82
CA GLU B 155 5.82 -14.26 -19.82
C GLU B 155 4.84 -14.19 -18.65
N PHE B 156 4.99 -13.16 -17.82
CA PHE B 156 4.13 -12.97 -16.67
C PHE B 156 3.81 -11.50 -16.44
N HIS B 157 2.54 -11.21 -16.12
CA HIS B 157 2.16 -9.90 -15.62
C HIS B 157 0.75 -9.93 -15.02
N VAL B 158 0.51 -9.03 -14.07
CA VAL B 158 -0.79 -8.86 -13.44
C VAL B 158 -1.54 -7.70 -14.11
N ASP B 159 -2.78 -7.94 -14.53
CA ASP B 159 -3.57 -6.89 -15.16
C ASP B 159 -4.56 -6.27 -14.17
N ALA B 160 -5.31 -7.10 -13.45
CA ALA B 160 -6.30 -6.61 -12.50
C ALA B 160 -5.91 -6.95 -11.05
N TRP B 161 -6.02 -5.95 -10.18
CA TRP B 161 -5.72 -6.10 -8.76
C TRP B 161 -6.95 -5.88 -7.89
N GLY B 162 -7.01 -6.60 -6.77
CA GLY B 162 -8.00 -6.33 -5.75
C GLY B 162 -7.53 -5.21 -4.85
N GLN B 163 -8.37 -4.80 -3.90
CA GLN B 163 -8.02 -3.75 -2.97
C GLN B 163 -7.13 -4.28 -1.85
N GLY B 164 -7.18 -5.59 -1.63
CA GLY B 164 -6.33 -6.25 -0.66
C GLY B 164 -6.98 -6.35 0.71
N LEU B 165 -6.71 -7.47 1.38
CA LEU B 165 -7.15 -7.69 2.75
C LEU B 165 -5.94 -7.75 3.68
N LEU B 166 -5.93 -6.90 4.70
CA LEU B 166 -4.86 -6.94 5.69
C LEU B 166 -5.10 -8.09 6.65
N VAL B 167 -4.09 -8.94 6.77
CA VAL B 167 -4.12 -10.06 7.72
C VAL B 167 -2.99 -9.92 8.71
N THR B 168 -3.32 -10.06 10.00
CA THR B 168 -2.33 -9.98 11.06
C THR B 168 -2.17 -11.34 11.72
N VAL B 169 -0.93 -11.80 11.83
CA VAL B 169 -0.63 -13.03 12.54
C VAL B 169 -0.11 -12.66 13.93
N SER B 170 -0.87 -13.02 14.96
CA SER B 170 -0.57 -12.59 16.32
C SER B 170 -1.31 -13.46 17.33
N SER B 171 -0.71 -13.62 18.52
CA SER B 171 -1.35 -14.37 19.59
C SER B 171 -2.24 -13.47 20.44
N ALA B 172 -2.28 -12.20 20.09
CA ALA B 172 -3.15 -11.26 20.77
C ALA B 172 -4.60 -11.46 20.32
N SER B 173 -5.53 -11.03 21.15
CA SER B 173 -6.95 -11.21 20.87
C SER B 173 -7.56 -10.01 20.16
N THR B 174 -8.57 -10.28 19.34
CA THR B 174 -9.32 -9.21 18.68
C THR B 174 -9.97 -8.33 19.74
N THR B 175 -9.80 -7.01 19.60
CA THR B 175 -10.32 -6.06 20.58
C THR B 175 -11.02 -4.90 19.90
N ALA B 176 -12.30 -4.72 20.23
CA ALA B 176 -13.08 -3.62 19.68
C ALA B 176 -12.58 -2.29 20.25
N PRO B 177 -12.62 -1.23 19.43
CA PRO B 177 -12.11 0.07 19.89
C PRO B 177 -13.07 0.76 20.85
N LYS B 178 -12.53 1.56 21.75
CA LYS B 178 -13.31 2.57 22.44
C LYS B 178 -13.25 3.81 21.57
N VAL B 179 -14.38 4.48 21.39
CA VAL B 179 -14.43 5.70 20.59
C VAL B 179 -14.81 6.88 21.47
N TYR B 180 -13.94 7.88 21.51
CA TYR B 180 -14.14 9.07 22.33
C TYR B 180 -14.27 10.30 21.45
N PRO B 181 -15.17 11.22 21.80
CA PRO B 181 -15.26 12.45 21.01
C PRO B 181 -14.09 13.39 21.30
N LEU B 182 -13.68 14.14 20.30
CA LEU B 182 -12.64 15.16 20.47
C LEU B 182 -13.22 16.52 20.16
N SER B 183 -13.18 17.41 21.15
CA SER B 183 -13.62 18.78 20.98
C SER B 183 -12.74 19.69 21.84
N SER B 184 -12.47 20.88 21.34
CA SER B 184 -11.59 21.81 22.01
C SER B 184 -12.21 22.35 23.28
N CYS B 185 -11.37 22.74 24.25
CA CYS B 185 -11.84 23.44 25.43
C CYS B 185 -12.60 24.69 25.01
N CYS B 186 -13.58 25.08 25.78
CA CYS B 186 -14.36 26.28 25.47
C CYS B 186 -13.49 27.52 25.56
N GLY B 187 -13.10 28.03 24.39
CA GLY B 187 -12.24 29.20 24.30
C GLY B 187 -10.79 28.81 24.09
N ASP B 188 -10.58 27.76 23.32
CA ASP B 188 -9.23 27.24 23.06
C ASP B 188 -9.10 26.86 21.58
N LYS B 189 -9.50 27.77 20.71
CA LYS B 189 -9.60 27.49 19.29
C LYS B 189 -9.30 28.71 18.44
N SER B 190 -8.94 28.47 17.18
CA SER B 190 -8.73 29.55 16.20
C SER B 190 -9.82 29.49 15.14
N SER B 191 -11.03 29.89 15.53
CA SER B 191 -12.19 29.96 14.65
C SER B 191 -11.96 31.01 13.53
N SER B 192 -12.90 31.25 12.61
CA SER B 192 -14.29 30.78 12.63
C SER B 192 -14.47 29.27 12.54
N THR B 193 -13.53 28.59 11.89
CA THR B 193 -13.68 27.17 11.65
C THR B 193 -13.58 26.38 12.95
N VAL B 194 -14.40 25.33 13.07
CA VAL B 194 -14.40 24.48 14.24
C VAL B 194 -13.85 23.12 13.87
N THR B 195 -12.82 22.69 14.59
CA THR B 195 -12.24 21.37 14.41
C THR B 195 -12.69 20.46 15.54
N LEU B 196 -13.09 19.25 15.17
CA LEU B 196 -13.46 18.24 16.15
C LEU B 196 -13.13 16.89 15.57
N GLY B 197 -13.25 15.84 16.36
CA GLY B 197 -12.84 14.53 15.90
C GLY B 197 -13.25 13.41 16.80
N CYS B 198 -12.68 12.25 16.52
CA CYS B 198 -12.90 11.05 17.32
CA CYS B 198 -12.89 11.03 17.28
C CYS B 198 -11.56 10.40 17.63
N LEU B 199 -11.44 9.88 18.84
CA LEU B 199 -10.27 9.10 19.21
C LEU B 199 -10.68 7.63 19.21
N VAL B 200 -10.16 6.87 18.25
CA VAL B 200 -10.44 5.45 18.16
C VAL B 200 -9.36 4.70 18.93
N SER B 201 -9.68 4.32 20.16
CA SER B 201 -8.68 3.90 21.12
C SER B 201 -8.62 2.38 21.35
N SER B 202 -7.39 1.86 21.35
CA SER B 202 -7.12 0.52 21.89
C SER B 202 -7.87 -0.61 21.18
N TYR B 203 -7.58 -0.81 19.90
CA TYR B 203 -8.15 -1.93 19.15
C TYR B 203 -7.10 -2.86 18.59
N MET B 204 -7.56 -4.04 18.15
CA MET B 204 -6.70 -5.07 17.60
C MET B 204 -7.58 -6.01 16.79
N PRO B 205 -7.21 -6.29 15.53
CA PRO B 205 -6.11 -5.79 14.70
C PRO B 205 -6.52 -4.59 13.86
N GLU B 206 -5.63 -4.14 12.99
CA GLU B 206 -5.99 -3.18 11.95
C GLU B 206 -6.76 -3.92 10.87
N PRO B 207 -7.55 -3.19 10.06
CA PRO B 207 -7.77 -1.75 10.11
C PRO B 207 -9.08 -1.34 10.77
N VAL B 208 -9.19 -0.04 11.03
CA VAL B 208 -10.43 0.61 11.38
C VAL B 208 -10.72 1.62 10.27
N THR B 209 -11.98 1.77 9.90
CA THR B 209 -12.38 2.78 8.93
C THR B 209 -13.26 3.82 9.60
N VAL B 210 -13.05 5.08 9.24
CA VAL B 210 -13.80 6.18 9.82
C VAL B 210 -14.45 7.05 8.76
N THR B 211 -15.74 7.31 8.93
CA THR B 211 -16.45 8.27 8.09
C THR B 211 -17.20 9.24 9.00
N TRP B 212 -17.68 10.33 8.44
CA TRP B 212 -18.42 11.34 9.19
C TRP B 212 -19.80 11.58 8.59
N ASN B 213 -20.80 11.58 9.47
CA ASN B 213 -22.20 11.74 9.06
C ASN B 213 -22.58 10.78 7.93
N SER B 214 -22.15 9.53 8.05
CA SER B 214 -22.49 8.48 7.09
C SER B 214 -22.06 8.84 5.67
N GLY B 215 -20.88 9.43 5.54
CA GLY B 215 -20.33 9.74 4.23
C GLY B 215 -20.82 11.06 3.66
N ALA B 216 -21.86 11.62 4.28
CA ALA B 216 -22.42 12.89 3.83
C ALA B 216 -21.48 14.07 4.10
N LEU B 217 -20.33 13.77 4.70
CA LEU B 217 -19.33 14.78 5.01
C LEU B 217 -17.93 14.29 4.66
N LYS B 218 -17.51 14.56 3.42
CA LYS B 218 -16.21 14.13 2.92
C LYS B 218 -15.17 15.23 3.08
N SER B 219 -15.53 16.44 2.68
CA SER B 219 -14.61 17.57 2.69
C SER B 219 -14.22 17.96 4.12
N GLY B 220 -12.94 18.26 4.31
CA GLY B 220 -12.44 18.71 5.59
C GLY B 220 -12.13 17.56 6.54
N VAL B 221 -12.25 16.33 6.05
CA VAL B 221 -11.99 15.14 6.86
C VAL B 221 -10.58 14.63 6.63
N HIS B 222 -9.89 14.29 7.71
CA HIS B 222 -8.63 13.57 7.61
C HIS B 222 -8.49 12.55 8.73
N THR B 223 -8.36 11.28 8.33
CA THR B 223 -8.15 10.19 9.27
C THR B 223 -6.67 9.86 9.32
N PHE B 224 -6.08 9.95 10.51
CA PHE B 224 -4.65 9.79 10.67
C PHE B 224 -4.24 8.32 10.74
N PRO B 225 -2.99 8.01 10.39
CA PRO B 225 -2.53 6.63 10.53
C PRO B 225 -2.49 6.19 11.98
N ALA B 226 -2.67 4.90 12.23
CA ALA B 226 -2.74 4.39 13.59
C ALA B 226 -1.35 4.35 14.24
N VAL B 227 -1.35 4.47 15.56
CA VAL B 227 -0.13 4.32 16.34
C VAL B 227 -0.26 3.05 17.18
N LEU B 228 0.83 2.30 17.28
CA LEU B 228 0.86 1.12 18.14
C LEU B 228 1.40 1.51 19.51
N GLN B 229 0.57 1.34 20.54
CA GLN B 229 0.94 1.74 21.88
C GLN B 229 1.66 0.62 22.62
N SER B 230 2.36 0.98 23.68
CA SER B 230 3.16 0.02 24.45
C SER B 230 2.30 -1.11 25.02
N SER B 231 0.99 -0.89 25.06
CA SER B 231 0.04 -1.90 25.54
C SER B 231 -0.17 -3.00 24.50
N GLY B 232 0.33 -2.79 23.29
CA GLY B 232 0.17 -3.75 22.21
C GLY B 232 -1.13 -3.56 21.45
N LEU B 233 -1.82 -2.46 21.73
CA LEU B 233 -3.06 -2.12 21.03
C LEU B 233 -2.87 -0.88 20.17
N TYR B 234 -3.70 -0.75 19.14
CA TYR B 234 -3.64 0.40 18.25
C TYR B 234 -4.57 1.52 18.68
N SER B 235 -4.23 2.74 18.27
CA SER B 235 -5.11 3.88 18.39
C SER B 235 -4.92 4.80 17.19
N LEU B 236 -6.01 5.44 16.76
CA LEU B 236 -5.91 6.49 15.75
C LEU B 236 -6.97 7.54 16.01
N SER B 237 -6.81 8.68 15.36
CA SER B 237 -7.77 9.76 15.45
C SER B 237 -8.24 10.14 14.05
N SER B 238 -9.50 10.55 13.94
CA SER B 238 -9.99 11.18 12.73
C SER B 238 -10.51 12.56 13.09
N MET B 239 -10.28 13.51 12.20
CA MET B 239 -10.54 14.91 12.44
C MET B 239 -11.40 15.47 11.32
N VAL B 240 -12.31 16.37 11.66
CA VAL B 240 -13.07 17.08 10.64
C VAL B 240 -13.13 18.57 10.99
N THR B 241 -12.91 19.40 9.96
CA THR B 241 -12.92 20.85 10.10
C THR B 241 -14.11 21.41 9.31
N VAL B 242 -14.89 22.26 9.97
CA VAL B 242 -16.11 22.80 9.38
C VAL B 242 -16.18 24.32 9.56
N PRO B 243 -16.94 25.01 8.68
CA PRO B 243 -17.15 26.46 8.78
C PRO B 243 -17.52 26.92 10.19
N GLY B 244 -18.34 26.13 10.87
CA GLY B 244 -18.69 26.40 12.25
C GLY B 244 -20.04 27.08 12.42
N SER B 245 -20.09 28.01 13.36
CA SER B 245 -21.33 28.61 13.83
C SER B 245 -22.25 27.51 14.36
N THR B 246 -22.98 26.80 13.49
CA THR B 246 -23.95 25.79 13.95
C THR B 246 -25.10 26.56 14.62
N SER B 247 -26.31 26.04 14.80
CA SER B 247 -26.83 24.80 14.22
C SER B 247 -27.44 25.09 12.84
N GLY B 248 -28.06 24.12 12.15
CA GLY B 248 -28.37 22.79 12.64
C GLY B 248 -27.19 21.87 12.93
N GLN B 249 -26.31 21.77 11.94
CA GLN B 249 -25.16 20.85 11.92
C GLN B 249 -24.90 19.99 13.17
N THR B 250 -25.20 18.70 13.06
CA THR B 250 -24.76 17.72 14.06
C THR B 250 -23.64 16.90 13.43
N PHE B 251 -22.76 16.33 14.25
CA PHE B 251 -21.60 15.61 13.76
C PHE B 251 -21.44 14.25 14.43
N THR B 252 -21.44 13.22 13.59
CA THR B 252 -21.33 11.85 14.04
C THR B 252 -20.22 11.14 13.28
N CYS B 253 -19.27 10.57 14.02
CA CYS B 253 -18.22 9.77 13.40
CA CYS B 253 -18.22 9.76 13.44
C CYS B 253 -18.63 8.30 13.40
N ASN B 254 -18.54 7.68 12.24
CA ASN B 254 -18.90 6.28 12.09
C ASN B 254 -17.66 5.39 12.01
N VAL B 255 -17.39 4.68 13.09
CA VAL B 255 -16.21 3.84 13.19
C VAL B 255 -16.59 2.39 12.95
N ALA B 256 -15.94 1.75 11.98
CA ALA B 256 -16.16 0.34 11.69
C ALA B 256 -14.90 -0.46 11.91
N HIS B 257 -15.03 -1.53 12.69
CA HIS B 257 -13.93 -2.46 12.96
C HIS B 257 -14.36 -3.86 12.55
N PRO B 258 -14.20 -4.19 11.25
CA PRO B 258 -14.69 -5.46 10.71
C PRO B 258 -14.18 -6.69 11.45
N ALA B 259 -12.94 -6.64 11.92
CA ALA B 259 -12.33 -7.79 12.59
C ALA B 259 -13.11 -8.24 13.81
N SER B 260 -13.80 -7.30 14.47
CA SER B 260 -14.59 -7.61 15.65
C SER B 260 -16.10 -7.51 15.38
N SER B 261 -16.46 -7.33 14.11
CA SER B 261 -17.87 -7.24 13.71
C SER B 261 -18.58 -6.13 14.49
N THR B 262 -17.86 -5.03 14.70
CA THR B 262 -18.35 -3.93 15.53
C THR B 262 -18.38 -2.62 14.76
N LYS B 263 -19.48 -1.89 14.92
CA LYS B 263 -19.57 -0.51 14.43
C LYS B 263 -19.94 0.41 15.59
N VAL B 264 -19.32 1.58 15.61
CA VAL B 264 -19.66 2.61 16.59
C VAL B 264 -19.96 3.91 15.88
N ASP B 265 -21.09 4.52 16.25
CA ASP B 265 -21.45 5.84 15.76
C ASP B 265 -21.49 6.81 16.92
N LYS B 266 -20.42 7.60 17.06
CA LYS B 266 -20.26 8.46 18.22
C LYS B 266 -20.67 9.89 17.92
N ALA B 267 -21.60 10.41 18.72
CA ALA B 267 -21.99 11.82 18.62
C ALA B 267 -20.89 12.71 19.20
N VAL B 268 -20.44 13.66 18.39
CA VAL B 268 -19.45 14.65 18.84
C VAL B 268 -20.11 16.01 18.91
N GLU B 269 -20.27 16.53 20.13
CA GLU B 269 -20.91 17.82 20.35
C GLU B 269 -19.87 18.86 20.76
N PRO B 270 -19.99 20.10 20.25
CA PRO B 270 -18.93 21.08 20.48
C PRO B 270 -18.97 21.65 21.90
N LYS B 271 -18.79 20.78 22.89
CA LYS B 271 -18.87 21.14 24.30
C LYS B 271 -20.15 21.95 24.55
N SER B 272 -19.99 23.19 25.02
CA SER B 272 -21.09 24.08 25.37
C SER B 272 -20.54 25.22 26.23
N CYS B 273 -20.26 24.90 27.49
CA CYS B 273 -19.67 25.85 28.43
C CYS B 273 -20.48 27.14 28.51
#